data_4YTI
#
_entry.id   4YTI
#
_cell.length_a   94.932
_cell.length_b   100.981
_cell.length_c   68.407
_cell.angle_alpha   90.00
_cell.angle_beta   90.00
_cell.angle_gamma   90.00
#
_symmetry.space_group_name_H-M   'C 2 2 21'
#
loop_
_entity.id
_entity.type
_entity.pdbx_description
1 polymer 'Tyrosine-protein kinase JAK2'
2 non-polymer (2R)-2-methyl-2-[[2-(1H-pyrrolo[2,3-b]pyridin-3-yl)pyrimidin-4-yl]amino]-N-[2,2,2-tris(fluoranyl)ethyl]butanamide
3 water water
#
_entity_poly.entity_id   1
_entity_poly.type   'polypeptide(L)'
_entity_poly.pdbx_seq_one_letter_code
;GSHNMTQFEERHLKFLQQLGKGNFGSVEMCRYDPLQDNTGEVVAVKKLQHSTEEHLRDFEREIEILKSLQHDNIVKYKGV
CYSAGRRNLKLIMEYLPYGSLRDYLQKHKERIDHIKLLQYTSQICKGMEYLGTKRYIHRDLATRNILVENENRVKIGDFG
LTKVLPQDKE(PTR)(PTR)KVKEPGESPIFWYAPESLTESKFSVASDVWSFGVVLYELFTYIEKSKSPPAEFMRMIGND
KQGQMIVFHLIELLKNNGRLPRPDGCPDEIYMIMTECWNNNVNQRPSFRDLALRVDQIRDNMAG
;
_entity_poly.pdbx_strand_id   A
#
loop_
_chem_comp.id
_chem_comp.type
_chem_comp.name
_chem_comp.formula
VJK non-polymer (2R)-2-methyl-2-[[2-(1H-pyrrolo[2,3-b]pyridin-3-yl)pyrimidin-4-yl]amino]-N-[2,2,2-tris(fluoranyl)ethyl]butanamide 'C18 H19 F3 N6 O'
#
# COMPACT_ATOMS: atom_id res chain seq x y z
N THR A 6 21.92 10.37 -14.34
CA THR A 6 22.11 9.91 -15.72
C THR A 6 20.72 9.50 -16.32
N GLN A 7 20.61 9.55 -17.66
CA GLN A 7 19.37 9.29 -18.42
C GLN A 7 19.19 7.84 -18.98
N PHE A 8 17.89 7.44 -19.16
CA PHE A 8 17.42 6.16 -19.68
C PHE A 8 16.85 6.34 -21.07
N GLU A 9 17.47 5.70 -22.07
CA GLU A 9 17.05 5.72 -23.47
C GLU A 9 15.98 4.63 -23.66
N GLU A 10 14.82 5.01 -24.20
CA GLU A 10 13.63 4.21 -24.53
C GLU A 10 14.00 3.02 -25.40
N ARG A 11 14.84 3.27 -26.44
CA ARG A 11 15.33 2.30 -27.43
C ARG A 11 16.09 1.12 -26.78
N HIS A 12 16.66 1.36 -25.57
CA HIS A 12 17.43 0.40 -24.78
C HIS A 12 16.63 -0.34 -23.68
N LEU A 13 15.32 -0.04 -23.52
CA LEU A 13 14.45 -0.69 -22.56
C LEU A 13 13.81 -1.89 -23.25
N LYS A 14 14.31 -3.10 -22.93
CA LYS A 14 13.81 -4.33 -23.52
C LYS A 14 12.71 -4.90 -22.66
N PHE A 15 11.51 -5.08 -23.24
CA PHE A 15 10.35 -5.64 -22.53
C PHE A 15 10.60 -7.09 -22.19
N LEU A 16 10.28 -7.46 -20.95
CA LEU A 16 10.44 -8.83 -20.49
C LEU A 16 9.10 -9.45 -20.15
N GLN A 17 8.35 -8.82 -19.21
CA GLN A 17 7.07 -9.29 -18.72
C GLN A 17 6.24 -8.19 -18.12
N GLN A 18 4.92 -8.36 -18.17
CA GLN A 18 3.98 -7.44 -17.57
C GLN A 18 3.98 -7.77 -16.06
N LEU A 19 3.97 -6.74 -15.21
CA LEU A 19 3.94 -6.91 -13.75
C LEU A 19 2.52 -6.65 -13.23
N GLY A 20 1.80 -5.71 -13.84
CA GLY A 20 0.43 -5.36 -13.50
C GLY A 20 -0.09 -4.09 -14.09
N LYS A 21 -1.39 -3.84 -13.87
CA LYS A 21 -2.15 -2.68 -14.35
C LYS A 21 -3.05 -2.16 -13.22
N GLY A 22 -3.40 -0.88 -13.30
CA GLY A 22 -4.22 -0.23 -12.30
C GLY A 22 -4.78 1.09 -12.73
N ASN A 23 -4.73 2.08 -11.80
CA ASN A 23 -5.17 3.46 -11.86
C ASN A 23 -4.58 4.21 -13.07
N PHE A 24 -5.09 3.81 -14.27
CA PHE A 24 -4.75 4.31 -15.59
C PHE A 24 -3.28 4.06 -16.02
N GLY A 25 -2.55 3.22 -15.28
CA GLY A 25 -1.15 2.89 -15.57
C GLY A 25 -0.90 1.41 -15.70
N SER A 26 0.31 1.07 -16.22
CA SER A 26 0.78 -0.30 -16.37
C SER A 26 2.23 -0.35 -15.96
N VAL A 27 2.63 -1.44 -15.30
CA VAL A 27 3.98 -1.69 -14.81
C VAL A 27 4.55 -2.92 -15.50
N GLU A 28 5.72 -2.77 -16.11
CA GLU A 28 6.42 -3.85 -16.81
C GLU A 28 7.81 -4.03 -16.25
N MET A 29 8.28 -5.25 -16.35
CA MET A 29 9.62 -5.67 -15.97
C MET A 29 10.39 -5.49 -17.31
N CYS A 30 11.49 -4.73 -17.28
CA CYS A 30 12.32 -4.44 -18.43
C CYS A 30 13.76 -4.62 -18.12
N ARG A 31 14.57 -4.89 -19.15
CA ARG A 31 16.01 -4.96 -19.00
C ARG A 31 16.51 -3.65 -19.63
N TYR A 32 17.27 -2.83 -18.86
CA TYR A 32 17.87 -1.61 -19.40
C TYR A 32 19.19 -2.09 -19.97
N ASP A 33 19.18 -2.37 -21.29
CA ASP A 33 20.34 -2.95 -21.96
C ASP A 33 21.00 -2.06 -23.07
N PRO A 34 21.76 -0.97 -22.69
CA PRO A 34 22.43 -0.14 -23.71
C PRO A 34 23.53 -0.88 -24.50
N LEU A 35 24.18 -1.91 -23.91
CA LEU A 35 25.26 -2.75 -24.50
C LEU A 35 24.74 -3.79 -25.51
N GLN A 36 23.39 -4.00 -25.54
CA GLN A 36 22.61 -4.88 -26.43
C GLN A 36 23.10 -6.37 -26.41
N ASP A 37 23.71 -6.80 -25.27
CA ASP A 37 24.26 -8.14 -25.01
C ASP A 37 23.48 -8.90 -23.90
N ASN A 38 22.29 -8.38 -23.53
CA ASN A 38 21.39 -8.90 -22.50
C ASN A 38 22.03 -8.96 -21.09
N THR A 39 23.08 -8.16 -20.82
CA THR A 39 23.74 -8.11 -19.50
C THR A 39 23.20 -6.92 -18.64
N GLY A 40 22.28 -6.13 -19.18
CA GLY A 40 21.71 -4.97 -18.50
C GLY A 40 20.89 -5.27 -17.26
N GLU A 41 20.70 -4.24 -16.44
CA GLU A 41 19.95 -4.31 -15.19
C GLU A 41 18.46 -4.47 -15.47
N VAL A 42 17.84 -5.34 -14.67
CA VAL A 42 16.41 -5.56 -14.74
C VAL A 42 15.78 -4.48 -13.83
N VAL A 43 14.84 -3.72 -14.38
CA VAL A 43 14.14 -2.61 -13.72
C VAL A 43 12.61 -2.73 -13.87
N ALA A 44 11.85 -1.99 -13.05
CA ALA A 44 10.39 -1.93 -13.12
C ALA A 44 10.09 -0.59 -13.80
N VAL A 45 9.23 -0.60 -14.82
CA VAL A 45 8.90 0.58 -15.61
C VAL A 45 7.41 0.85 -15.53
N LYS A 46 7.03 2.06 -15.06
CA LYS A 46 5.62 2.45 -15.01
C LYS A 46 5.36 3.50 -16.08
N LYS A 47 4.28 3.32 -16.86
CA LYS A 47 3.86 4.22 -17.92
C LYS A 47 2.34 4.37 -17.84
N LEU A 48 1.80 5.44 -18.45
CA LEU A 48 0.35 5.65 -18.49
C LEU A 48 -0.18 4.88 -19.68
N GLN A 49 -1.36 4.27 -19.53
CA GLN A 49 -1.95 3.54 -20.65
C GLN A 49 -2.71 4.48 -21.58
N HIS A 50 -3.66 5.25 -20.99
CA HIS A 50 -4.50 6.26 -21.63
C HIS A 50 -4.03 7.56 -20.95
N SER A 51 -3.17 8.32 -21.65
CA SER A 51 -2.50 9.53 -21.17
C SER A 51 -3.21 10.88 -21.49
N THR A 52 -4.19 11.25 -20.65
CA THR A 52 -4.90 12.54 -20.77
C THR A 52 -4.07 13.56 -19.97
N GLU A 53 -4.32 14.87 -20.17
CA GLU A 53 -3.61 15.98 -19.49
C GLU A 53 -3.78 15.92 -17.95
N GLU A 54 -4.93 15.40 -17.44
CA GLU A 54 -5.20 15.24 -16.01
C GLU A 54 -4.31 14.08 -15.48
N HIS A 55 -4.26 12.95 -16.23
CA HIS A 55 -3.48 11.74 -15.93
C HIS A 55 -1.98 11.98 -15.93
N LEU A 56 -1.47 12.81 -16.87
CA LEU A 56 -0.07 13.21 -17.00
C LEU A 56 0.33 13.99 -15.77
N ARG A 57 -0.50 14.97 -15.37
CA ARG A 57 -0.35 15.84 -14.21
C ARG A 57 -0.21 14.99 -12.92
N ASP A 58 -1.12 13.99 -12.72
CA ASP A 58 -1.08 13.09 -11.55
C ASP A 58 0.12 12.19 -11.59
N PHE A 59 0.52 11.71 -12.78
CA PHE A 59 1.68 10.85 -12.95
C PHE A 59 2.96 11.60 -12.58
N GLU A 60 3.08 12.86 -12.99
CA GLU A 60 4.22 13.74 -12.68
C GLU A 60 4.35 14.00 -11.22
N ARG A 61 3.21 14.13 -10.54
CA ARG A 61 3.16 14.36 -9.10
C ARG A 61 3.65 13.11 -8.39
N GLU A 62 3.23 11.89 -8.83
CA GLU A 62 3.67 10.60 -8.28
C GLU A 62 5.20 10.46 -8.45
N ILE A 63 5.73 10.89 -9.63
CA ILE A 63 7.17 10.83 -9.92
C ILE A 63 7.90 11.71 -8.89
N GLU A 64 7.45 12.98 -8.69
CA GLU A 64 8.05 13.92 -7.73
C GLU A 64 8.03 13.37 -6.30
N ILE A 65 6.89 12.74 -5.90
CA ILE A 65 6.71 12.10 -4.59
C ILE A 65 7.74 10.97 -4.39
N LEU A 66 7.82 10.02 -5.34
CA LEU A 66 8.75 8.89 -5.23
C LEU A 66 10.23 9.33 -5.19
N LYS A 67 10.61 10.31 -6.03
CA LYS A 67 11.95 10.86 -6.13
C LYS A 67 12.35 11.52 -4.79
N SER A 68 11.38 12.14 -4.07
CA SER A 68 11.63 12.81 -2.78
C SER A 68 11.82 11.83 -1.61
N LEU A 69 11.43 10.54 -1.80
CA LEU A 69 11.53 9.52 -0.75
C LEU A 69 12.76 8.63 -0.83
N GLN A 70 13.54 8.62 0.26
CA GLN A 70 14.75 7.79 0.44
C GLN A 70 14.72 7.15 1.80
N HIS A 71 14.24 5.90 1.83
CA HIS A 71 14.10 5.11 3.04
C HIS A 71 14.27 3.65 2.65
N ASP A 72 14.80 2.82 3.56
CA ASP A 72 15.01 1.38 3.31
C ASP A 72 13.73 0.60 3.03
N ASN A 73 12.56 1.12 3.49
CA ASN A 73 11.29 0.44 3.31
C ASN A 73 10.34 1.17 2.33
N ILE A 74 10.91 1.88 1.34
CA ILE A 74 10.22 2.58 0.25
C ILE A 74 10.95 2.15 -1.02
N VAL A 75 10.18 1.65 -2.02
CA VAL A 75 10.72 1.24 -3.34
C VAL A 75 11.55 2.43 -3.92
N LYS A 76 12.74 2.12 -4.44
CA LYS A 76 13.66 3.11 -4.99
C LYS A 76 13.31 3.59 -6.35
N TYR A 77 13.29 4.92 -6.47
CA TYR A 77 13.13 5.66 -7.71
C TYR A 77 14.54 5.48 -8.38
N LYS A 78 14.57 5.29 -9.69
CA LYS A 78 15.83 5.15 -10.45
C LYS A 78 15.97 6.27 -11.46
N GLY A 79 14.89 6.66 -12.06
CA GLY A 79 14.90 7.73 -13.05
C GLY A 79 13.62 7.80 -13.85
N VAL A 80 13.70 8.61 -14.89
CA VAL A 80 12.62 8.87 -15.82
C VAL A 80 13.19 8.69 -17.24
N CYS A 81 12.38 8.14 -18.14
CA CYS A 81 12.72 7.98 -19.53
C CYS A 81 11.77 8.89 -20.32
N TYR A 82 12.32 9.88 -21.03
CA TYR A 82 11.57 10.84 -21.87
C TYR A 82 11.60 10.43 -23.36
N SER A 83 10.44 10.45 -24.01
CA SER A 83 10.27 10.12 -25.44
C SER A 83 9.41 11.19 -26.13
N ARG A 87 3.94 14.99 -23.36
CA ARG A 87 4.88 13.98 -22.89
C ARG A 87 4.24 12.60 -22.64
N ASN A 88 5.09 11.55 -22.71
CA ASN A 88 4.77 10.14 -22.45
C ASN A 88 5.94 9.50 -21.68
N LEU A 89 6.14 10.05 -20.47
CA LEU A 89 7.17 9.66 -19.52
C LEU A 89 6.98 8.26 -19.02
N LYS A 90 8.09 7.68 -18.63
CA LYS A 90 8.18 6.37 -18.04
C LYS A 90 8.94 6.53 -16.74
N LEU A 91 8.37 6.03 -15.65
CA LEU A 91 8.98 6.07 -14.34
C LEU A 91 9.78 4.78 -14.23
N ILE A 92 11.08 4.90 -13.93
CA ILE A 92 12.01 3.77 -13.75
C ILE A 92 12.21 3.58 -12.27
N MET A 93 12.01 2.35 -11.82
CA MET A 93 12.14 1.95 -10.42
C MET A 93 12.91 0.66 -10.34
N GLU A 94 13.43 0.38 -9.14
CA GLU A 94 14.11 -0.88 -8.90
C GLU A 94 13.09 -2.02 -9.00
N TYR A 95 13.54 -3.18 -9.52
CA TYR A 95 12.70 -4.35 -9.65
C TYR A 95 12.96 -5.25 -8.42
N LEU A 96 11.90 -5.61 -7.69
CA LEU A 96 11.96 -6.47 -6.50
C LEU A 96 11.42 -7.88 -6.88
N PRO A 97 12.37 -8.81 -7.21
CA PRO A 97 12.00 -10.14 -7.75
C PRO A 97 11.10 -11.05 -6.92
N TYR A 98 11.00 -10.84 -5.61
CA TYR A 98 10.11 -11.65 -4.78
C TYR A 98 8.62 -11.25 -4.92
N GLY A 99 8.35 -10.15 -5.64
CA GLY A 99 7.00 -9.63 -5.90
C GLY A 99 6.33 -9.04 -4.68
N SER A 100 4.98 -8.98 -4.71
CA SER A 100 4.19 -8.43 -3.62
C SER A 100 4.20 -9.31 -2.38
N LEU A 101 4.08 -8.68 -1.20
CA LEU A 101 3.98 -9.36 0.08
C LEU A 101 2.74 -10.26 0.07
N ARG A 102 1.64 -9.82 -0.58
CA ARG A 102 0.41 -10.59 -0.70
C ARG A 102 0.73 -11.96 -1.37
N ASP A 103 1.36 -11.96 -2.58
CA ASP A 103 1.72 -13.18 -3.31
C ASP A 103 2.72 -14.05 -2.55
N TYR A 104 3.77 -13.40 -1.99
CA TYR A 104 4.83 -14.04 -1.22
C TYR A 104 4.26 -14.80 -0.02
N LEU A 105 3.41 -14.12 0.80
CA LEU A 105 2.79 -14.71 1.97
C LEU A 105 1.81 -15.83 1.60
N GLN A 106 1.01 -15.66 0.53
CA GLN A 106 0.02 -16.62 0.01
C GLN A 106 0.72 -17.95 -0.38
N LYS A 107 1.93 -17.86 -0.96
CA LYS A 107 2.76 -18.97 -1.40
C LYS A 107 3.45 -19.69 -0.21
N HIS A 108 4.23 -18.93 0.58
CA HIS A 108 5.02 -19.40 1.73
C HIS A 108 4.24 -19.67 3.04
N LYS A 109 2.94 -19.30 3.11
CA LYS A 109 1.96 -19.44 4.23
C LYS A 109 2.61 -19.46 5.65
N GLU A 110 2.24 -20.40 6.53
CA GLU A 110 2.66 -20.53 7.93
C GLU A 110 4.17 -20.89 8.13
N ARG A 111 4.93 -21.11 7.02
CA ARG A 111 6.39 -21.40 7.05
C ARG A 111 7.17 -20.09 7.41
N ILE A 112 6.44 -18.95 7.41
CA ILE A 112 6.81 -17.59 7.81
C ILE A 112 6.14 -17.56 9.19
N ASP A 113 6.93 -17.48 10.25
CA ASP A 113 6.37 -17.47 11.61
C ASP A 113 5.90 -16.06 12.03
N HIS A 114 5.32 -15.92 13.24
CA HIS A 114 4.83 -14.67 13.81
C HIS A 114 5.95 -13.64 13.96
N ILE A 115 7.18 -14.08 14.37
CA ILE A 115 8.38 -13.23 14.56
C ILE A 115 8.70 -12.51 13.23
N LYS A 116 8.69 -13.28 12.12
CA LYS A 116 8.93 -12.80 10.76
C LYS A 116 7.82 -11.83 10.31
N LEU A 117 6.52 -12.14 10.58
CA LEU A 117 5.42 -11.23 10.23
C LEU A 117 5.55 -9.89 10.92
N LEU A 118 6.09 -9.89 12.15
CA LEU A 118 6.30 -8.70 12.94
C LEU A 118 7.49 -7.88 12.46
N GLN A 119 8.52 -8.53 11.87
CA GLN A 119 9.69 -7.88 11.27
C GLN A 119 9.14 -7.05 10.07
N TYR A 120 8.24 -7.65 9.25
CA TYR A 120 7.58 -6.99 8.10
C TYR A 120 6.68 -5.85 8.56
N THR A 121 5.92 -6.06 9.67
CA THR A 121 5.00 -5.08 10.26
C THR A 121 5.78 -3.80 10.68
N SER A 122 6.91 -4.00 11.38
CA SER A 122 7.80 -2.95 11.86
C SER A 122 8.30 -2.10 10.66
N GLN A 123 8.78 -2.76 9.59
CA GLN A 123 9.30 -2.12 8.37
C GLN A 123 8.24 -1.29 7.66
N ILE A 124 6.97 -1.82 7.59
CA ILE A 124 5.81 -1.12 7.02
C ILE A 124 5.57 0.16 7.86
N CYS A 125 5.55 0.06 9.24
CA CYS A 125 5.37 1.20 10.15
C CYS A 125 6.41 2.27 9.93
N LYS A 126 7.68 1.86 9.84
CA LYS A 126 8.82 2.75 9.65
C LYS A 126 8.73 3.49 8.33
N GLY A 127 8.34 2.79 7.26
CA GLY A 127 8.17 3.38 5.94
C GLY A 127 7.05 4.39 5.97
N MET A 128 5.95 4.03 6.62
CA MET A 128 4.77 4.89 6.78
C MET A 128 5.05 6.15 7.64
N GLU A 129 5.78 5.98 8.75
CA GLU A 129 6.19 7.08 9.63
C GLU A 129 7.01 8.10 8.83
N TYR A 130 8.03 7.61 8.07
CA TYR A 130 8.87 8.44 7.22
C TYR A 130 7.99 9.18 6.18
N LEU A 131 7.04 8.46 5.55
CA LEU A 131 6.11 9.05 4.59
C LEU A 131 5.30 10.23 5.22
N GLY A 132 4.84 10.06 6.46
CA GLY A 132 4.11 11.05 7.24
C GLY A 132 4.89 12.31 7.56
N THR A 133 6.23 12.19 7.76
CA THR A 133 7.11 13.34 8.03
C THR A 133 7.14 14.31 6.81
N LYS A 134 6.90 13.80 5.58
CA LYS A 134 6.85 14.56 4.32
C LYS A 134 5.43 15.09 4.02
N ARG A 135 4.46 14.79 4.91
CA ARG A 135 3.06 15.18 4.81
C ARG A 135 2.39 14.50 3.58
N TYR A 136 2.74 13.22 3.38
CA TYR A 136 2.20 12.41 2.29
C TYR A 136 1.26 11.40 2.88
N ILE A 137 0.13 11.20 2.19
CA ILE A 137 -0.93 10.26 2.58
C ILE A 137 -0.95 9.21 1.50
N HIS A 138 -0.53 7.97 1.84
CA HIS A 138 -0.49 6.86 0.89
C HIS A 138 -1.84 6.56 0.22
N ARG A 139 -2.90 6.41 1.04
CA ARG A 139 -4.29 6.12 0.67
C ARG A 139 -4.53 4.70 0.13
N ASP A 140 -3.48 3.86 -0.10
CA ASP A 140 -3.72 2.49 -0.62
C ASP A 140 -2.82 1.45 0.08
N LEU A 141 -2.66 1.59 1.42
CA LEU A 141 -1.86 0.66 2.18
C LEU A 141 -2.60 -0.66 2.23
N ALA A 142 -1.98 -1.70 1.63
CA ALA A 142 -2.50 -3.08 1.51
C ALA A 142 -1.34 -3.98 1.23
N THR A 143 -1.44 -5.31 1.57
CA THR A 143 -0.33 -6.25 1.29
C THR A 143 -0.02 -6.35 -0.21
N ARG A 144 -1.03 -6.09 -1.08
CA ARG A 144 -0.84 -6.12 -2.54
C ARG A 144 0.09 -4.98 -3.02
N ASN A 145 0.26 -3.90 -2.18
CA ASN A 145 1.07 -2.71 -2.48
C ASN A 145 2.37 -2.64 -1.71
N ILE A 146 2.77 -3.76 -1.12
CA ILE A 146 4.03 -3.91 -0.38
C ILE A 146 4.82 -4.95 -1.17
N LEU A 147 6.10 -4.68 -1.43
CA LEU A 147 7.01 -5.55 -2.17
C LEU A 147 8.01 -6.19 -1.25
N VAL A 148 8.45 -7.40 -1.59
CA VAL A 148 9.43 -8.16 -0.83
C VAL A 148 10.76 -7.98 -1.56
N GLU A 149 11.80 -7.46 -0.90
CA GLU A 149 13.13 -7.30 -1.51
C GLU A 149 13.88 -8.64 -1.35
N ASN A 150 13.75 -9.23 -0.15
CA ASN A 150 14.32 -10.50 0.29
C ASN A 150 13.56 -10.94 1.56
N GLU A 151 13.94 -12.12 2.11
CA GLU A 151 13.38 -12.73 3.31
C GLU A 151 13.33 -11.77 4.51
N ASN A 152 14.29 -10.81 4.61
CA ASN A 152 14.42 -9.86 5.71
C ASN A 152 14.00 -8.41 5.39
N ARG A 153 13.45 -8.11 4.18
CA ARG A 153 13.07 -6.72 3.87
C ARG A 153 11.91 -6.58 2.90
N VAL A 154 10.95 -5.73 3.29
CA VAL A 154 9.76 -5.35 2.57
C VAL A 154 9.80 -3.83 2.34
N LYS A 155 9.14 -3.36 1.29
CA LYS A 155 9.10 -1.95 0.93
C LYS A 155 7.73 -1.55 0.43
N ILE A 156 7.29 -0.31 0.72
CA ILE A 156 6.02 0.24 0.24
C ILE A 156 6.24 0.59 -1.24
N GLY A 157 5.38 0.04 -2.08
N GLY A 157 5.41 0.02 -2.14
CA GLY A 157 5.32 0.25 -3.50
CA GLY A 157 5.51 0.13 -3.59
C GLY A 157 4.06 1.02 -3.82
C GLY A 157 4.76 1.03 -4.58
N ASP A 158 3.92 1.42 -5.09
N ASP A 158 3.43 1.27 -4.42
CA ASP A 158 2.83 2.17 -5.72
CA ASP A 158 2.65 2.10 -5.38
C ASP A 158 2.35 3.40 -4.92
C ASP A 158 2.27 3.45 -4.79
N PHE A 159 2.78 4.56 -5.40
CA PHE A 159 2.47 5.90 -4.87
C PHE A 159 1.46 6.64 -5.78
N GLY A 160 0.78 5.86 -6.64
CA GLY A 160 -0.23 6.31 -7.58
C GLY A 160 -1.44 7.02 -6.99
N LEU A 161 -1.78 6.71 -5.73
CA LEU A 161 -2.90 7.32 -5.03
C LEU A 161 -2.51 8.32 -3.94
N THR A 162 -1.18 8.48 -3.69
CA THR A 162 -0.60 9.38 -2.69
C THR A 162 -0.99 10.85 -2.89
N LYS A 163 -1.40 11.51 -1.78
CA LYS A 163 -1.75 12.93 -1.77
C LYS A 163 -0.82 13.64 -0.81
N VAL A 164 -0.55 14.92 -1.11
CA VAL A 164 0.28 15.76 -0.27
C VAL A 164 -0.73 16.58 0.50
N LEU A 165 -0.57 16.62 1.82
CA LEU A 165 -1.46 17.39 2.68
C LEU A 165 -1.37 18.89 2.38
N PRO A 166 -2.50 19.66 2.42
CA PRO A 166 -2.39 21.12 2.25
C PRO A 166 -1.57 21.65 3.44
N GLN A 167 -0.86 22.76 3.23
CA GLN A 167 0.00 23.43 4.22
C GLN A 167 -0.74 23.77 5.55
N ASP A 168 -2.00 24.20 5.44
CA ASP A 168 -2.87 24.64 6.51
C ASP A 168 -3.88 23.59 7.06
N LYS A 169 -3.81 22.33 6.58
CA LYS A 169 -4.76 21.26 6.98
C LYS A 169 -4.10 19.91 7.30
N GLU A 170 -4.78 19.09 8.12
CA GLU A 170 -4.27 17.76 8.51
C GLU A 170 -4.97 16.62 7.75
N PTR A 171 -5.80 16.95 6.75
CA PTR A 171 -6.52 16.00 5.91
C PTR A 171 -6.54 16.50 4.47
O PTR A 171 -6.44 17.71 4.23
CB PTR A 171 -7.94 15.54 6.43
CG PTR A 171 -8.85 16.75 6.40
CD1 PTR A 171 -8.94 17.58 7.59
CD2 PTR A 171 -9.59 17.07 5.17
CE1 PTR A 171 -9.75 18.75 7.54
CE2 PTR A 171 -10.39 18.22 5.13
CZ PTR A 171 -10.49 19.06 6.31
OH PTR A 171 -11.30 20.17 6.09
P PTR A 171 -12.38 20.62 7.09
O1P PTR A 171 -11.77 21.12 8.42
O2P PTR A 171 -12.96 21.75 6.21
O3P PTR A 171 -13.40 19.48 7.33
N PTR A 172 -6.73 15.57 3.52
CA PTR A 172 -6.85 15.81 2.09
C PTR A 172 -8.26 15.31 1.72
O PTR A 172 -8.56 14.16 2.01
CB PTR A 172 -5.76 15.06 1.21
CG PTR A 172 -5.86 15.62 -0.20
CD1 PTR A 172 -5.06 16.77 -0.50
CD2 PTR A 172 -6.73 15.05 -1.22
CE1 PTR A 172 -5.14 17.34 -1.78
CE2 PTR A 172 -6.80 15.62 -2.50
CZ PTR A 172 -5.98 16.76 -2.79
OH PTR A 172 -5.97 17.47 -3.97
P PTR A 172 -5.87 16.94 -5.38
O1P PTR A 172 -4.38 16.56 -5.49
O2P PTR A 172 -6.92 15.86 -5.82
O3P PTR A 172 -6.22 18.24 -6.12
N LYS A 173 -9.09 16.16 1.11
CA LYS A 173 -10.45 15.77 0.71
C LYS A 173 -10.51 15.51 -0.80
N VAL A 174 -10.90 14.29 -1.19
CA VAL A 174 -11.00 13.89 -2.61
C VAL A 174 -12.43 14.26 -3.08
N LYS A 175 -12.54 15.24 -3.98
CA LYS A 175 -13.83 15.71 -4.50
C LYS A 175 -14.51 14.71 -5.43
N GLU A 176 -13.75 14.08 -6.34
CA GLU A 176 -14.29 13.10 -7.29
C GLU A 176 -13.51 11.78 -7.22
N PRO A 177 -13.91 10.87 -6.29
CA PRO A 177 -13.18 9.59 -6.16
C PRO A 177 -13.30 8.65 -7.35
N GLY A 178 -12.18 7.97 -7.62
CA GLY A 178 -12.04 6.95 -8.66
C GLY A 178 -12.29 5.59 -8.04
N GLU A 179 -11.51 4.57 -8.44
CA GLU A 179 -11.63 3.20 -7.90
C GLU A 179 -11.08 3.30 -6.47
N SER A 180 -11.90 2.87 -5.49
CA SER A 180 -11.54 2.95 -4.09
C SER A 180 -11.45 1.59 -3.35
N PRO A 181 -10.34 1.28 -2.60
CA PRO A 181 -10.29 0.00 -1.82
C PRO A 181 -11.05 0.21 -0.48
N ILE A 182 -12.38 0.29 -0.59
CA ILE A 182 -13.36 0.57 0.47
C ILE A 182 -13.22 -0.33 1.69
N PHE A 183 -12.82 -1.62 1.54
CA PHE A 183 -12.67 -2.55 2.68
C PHE A 183 -11.39 -2.29 3.54
N TRP A 184 -10.53 -1.33 3.11
CA TRP A 184 -9.30 -0.86 3.75
C TRP A 184 -9.52 0.59 4.26
N TYR A 185 -10.66 1.23 3.90
CA TYR A 185 -10.97 2.62 4.25
C TYR A 185 -11.50 2.92 5.64
N ALA A 186 -11.00 4.05 6.21
CA ALA A 186 -11.44 4.57 7.50
C ALA A 186 -12.88 5.11 7.32
N PRO A 187 -13.73 5.14 8.39
CA PRO A 187 -15.11 5.64 8.23
C PRO A 187 -15.23 7.03 7.61
N GLU A 188 -14.37 8.01 8.03
CA GLU A 188 -14.36 9.40 7.51
C GLU A 188 -13.97 9.47 6.02
N SER A 189 -13.24 8.45 5.53
CA SER A 189 -12.84 8.37 4.13
C SER A 189 -14.05 7.89 3.35
N LEU A 190 -14.85 6.99 3.94
CA LEU A 190 -16.07 6.49 3.30
C LEU A 190 -17.17 7.53 3.25
N THR A 191 -17.37 8.24 4.34
CA THR A 191 -18.43 9.24 4.46
C THR A 191 -18.12 10.59 3.86
N GLU A 192 -16.92 11.16 4.16
CA GLU A 192 -16.52 12.51 3.74
C GLU A 192 -15.37 12.58 2.76
N SER A 193 -14.82 11.42 2.33
CA SER A 193 -13.70 11.32 1.36
C SER A 193 -12.44 12.09 1.93
N LYS A 194 -12.26 12.04 3.29
CA LYS A 194 -11.20 12.66 4.07
C LYS A 194 -10.08 11.67 4.30
N PHE A 195 -8.87 12.04 3.89
CA PHE A 195 -7.68 11.17 4.00
C PHE A 195 -6.62 11.87 4.82
N SER A 196 -5.98 11.13 5.75
CA SER A 196 -4.96 11.69 6.63
C SER A 196 -4.05 10.57 7.12
N VAL A 197 -3.06 10.93 7.97
CA VAL A 197 -2.14 9.98 8.60
C VAL A 197 -3.01 8.96 9.37
N ALA A 198 -4.04 9.45 10.10
CA ALA A 198 -5.00 8.66 10.87
C ALA A 198 -5.75 7.63 9.99
N SER A 199 -6.16 7.99 8.75
CA SER A 199 -6.84 7.03 7.83
C SER A 199 -5.82 5.98 7.32
N ASP A 200 -4.52 6.39 7.11
CA ASP A 200 -3.43 5.46 6.72
C ASP A 200 -3.18 4.47 7.88
N VAL A 201 -3.29 4.94 9.16
CA VAL A 201 -3.15 4.10 10.38
C VAL A 201 -4.31 3.05 10.36
N TRP A 202 -5.58 3.49 10.07
CA TRP A 202 -6.73 2.57 9.99
C TRP A 202 -6.39 1.45 8.94
N SER A 203 -5.95 1.82 7.69
CA SER A 203 -5.55 0.85 6.63
C SER A 203 -4.42 -0.06 7.10
N PHE A 204 -3.49 0.47 7.92
CA PHE A 204 -2.39 -0.32 8.47
C PHE A 204 -2.95 -1.46 9.37
N GLY A 205 -3.99 -1.18 10.16
CA GLY A 205 -4.66 -2.17 11.00
C GLY A 205 -5.22 -3.27 10.11
N VAL A 206 -5.76 -2.89 8.94
CA VAL A 206 -6.28 -3.85 7.94
C VAL A 206 -5.07 -4.69 7.37
N VAL A 207 -3.87 -4.07 7.13
CA VAL A 207 -2.65 -4.76 6.64
C VAL A 207 -2.23 -5.82 7.66
N LEU A 208 -2.20 -5.44 8.96
CA LEU A 208 -1.83 -6.34 10.06
C LEU A 208 -2.77 -7.57 10.09
N TYR A 209 -4.07 -7.34 9.87
CA TYR A 209 -5.09 -8.35 9.80
C TYR A 209 -4.77 -9.31 8.63
N GLU A 210 -4.52 -8.77 7.40
CA GLU A 210 -4.18 -9.56 6.21
C GLU A 210 -3.02 -10.49 6.50
N LEU A 211 -1.94 -9.96 7.14
CA LEU A 211 -0.75 -10.70 7.53
C LEU A 211 -1.06 -11.90 8.39
N PHE A 212 -1.80 -11.69 9.49
CA PHE A 212 -2.13 -12.73 10.45
C PHE A 212 -3.18 -13.72 9.96
N THR A 213 -3.89 -13.46 8.84
CA THR A 213 -4.82 -14.42 8.22
C THR A 213 -4.03 -15.24 7.16
N TYR A 214 -2.71 -14.90 6.93
CA TYR A 214 -1.82 -15.54 5.94
C TYR A 214 -2.44 -15.55 4.52
N ILE A 215 -3.21 -14.47 4.18
CA ILE A 215 -3.91 -14.23 2.90
C ILE A 215 -4.92 -15.43 2.56
N GLU A 216 -5.58 -16.03 3.59
CA GLU A 216 -6.58 -17.10 3.37
C GLU A 216 -7.73 -16.37 2.65
N LYS A 217 -8.19 -16.86 1.45
CA LYS A 217 -9.22 -16.24 0.59
C LYS A 217 -10.57 -15.95 1.28
N SER A 218 -11.11 -16.91 2.05
CA SER A 218 -12.38 -16.77 2.77
C SER A 218 -12.26 -15.79 3.95
N LYS A 219 -11.02 -15.48 4.37
CA LYS A 219 -10.74 -14.60 5.51
C LYS A 219 -10.38 -13.16 5.12
N SER A 220 -10.31 -12.83 3.82
CA SER A 220 -9.95 -11.50 3.31
C SER A 220 -10.90 -10.39 3.80
N PRO A 221 -10.41 -9.12 3.99
CA PRO A 221 -11.33 -8.03 4.39
C PRO A 221 -12.57 -7.94 3.47
N PRO A 222 -12.55 -8.01 2.09
CA PRO A 222 -13.82 -8.01 1.34
C PRO A 222 -14.77 -9.16 1.66
N ALA A 223 -14.26 -10.41 1.87
CA ALA A 223 -15.06 -11.58 2.18
C ALA A 223 -15.74 -11.46 3.55
N GLU A 224 -14.97 -11.03 4.58
CA GLU A 224 -15.45 -10.85 5.95
C GLU A 224 -16.47 -9.75 6.04
N PHE A 225 -16.17 -8.55 5.44
CA PHE A 225 -17.13 -7.46 5.47
C PHE A 225 -18.41 -7.78 4.71
N MET A 226 -18.32 -8.49 3.54
CA MET A 226 -19.50 -8.87 2.75
C MET A 226 -20.44 -9.82 3.52
N ARG A 227 -19.89 -10.76 4.28
CA ARG A 227 -20.62 -11.72 5.12
C ARG A 227 -21.35 -10.91 6.25
N MET A 228 -20.66 -9.90 6.84
CA MET A 228 -21.22 -9.05 7.89
C MET A 228 -22.33 -8.15 7.41
N ILE A 229 -22.24 -7.61 6.18
CA ILE A 229 -23.31 -6.72 5.67
C ILE A 229 -24.40 -7.50 4.91
N GLY A 230 -24.07 -8.71 4.44
CA GLY A 230 -24.94 -9.58 3.66
C GLY A 230 -24.46 -9.57 2.21
N ASN A 231 -24.17 -10.77 1.66
CA ASN A 231 -23.70 -10.93 0.27
C ASN A 231 -24.73 -10.48 -0.81
N ASP A 232 -25.98 -10.18 -0.41
CA ASP A 232 -27.08 -9.69 -1.26
C ASP A 232 -26.92 -8.17 -1.53
N LYS A 233 -26.04 -7.46 -0.78
CA LYS A 233 -25.84 -6.02 -0.97
C LYS A 233 -24.99 -5.79 -2.22
N GLN A 234 -25.41 -4.80 -3.06
CA GLN A 234 -24.77 -4.47 -4.34
C GLN A 234 -24.51 -3.00 -4.56
N GLY A 235 -23.43 -2.69 -5.29
CA GLY A 235 -23.01 -1.34 -5.65
C GLY A 235 -22.86 -0.40 -4.47
N GLN A 236 -23.39 0.84 -4.59
CA GLN A 236 -23.34 1.89 -3.56
C GLN A 236 -23.97 1.43 -2.22
N MET A 237 -24.88 0.42 -2.22
CA MET A 237 -25.51 -0.12 -1.01
C MET A 237 -24.47 -0.80 -0.11
N ILE A 238 -23.38 -1.32 -0.70
CA ILE A 238 -22.26 -1.95 0.02
C ILE A 238 -21.62 -0.86 0.91
N VAL A 239 -21.33 0.35 0.33
CA VAL A 239 -20.72 1.49 1.01
C VAL A 239 -21.67 1.95 2.11
N PHE A 240 -22.98 2.13 1.80
CA PHE A 240 -23.98 2.55 2.79
C PHE A 240 -23.96 1.62 4.02
N HIS A 241 -24.02 0.29 3.81
CA HIS A 241 -24.03 -0.70 4.89
C HIS A 241 -22.72 -0.84 5.63
N LEU A 242 -21.58 -0.69 4.93
CA LEU A 242 -20.25 -0.76 5.54
C LEU A 242 -20.06 0.42 6.50
N ILE A 243 -20.51 1.64 6.13
CA ILE A 243 -20.44 2.85 6.96
C ILE A 243 -21.20 2.62 8.29
N GLU A 244 -22.48 2.21 8.19
CA GLU A 244 -23.37 1.92 9.33
C GLU A 244 -22.80 0.79 10.18
N LEU A 245 -22.23 -0.26 9.55
CA LEU A 245 -21.60 -1.35 10.30
C LEU A 245 -20.42 -0.82 11.14
N LEU A 246 -19.52 -0.02 10.53
CA LEU A 246 -18.35 0.57 11.21
C LEU A 246 -18.73 1.49 12.34
N LYS A 247 -19.81 2.28 12.14
CA LYS A 247 -20.38 3.21 13.11
C LYS A 247 -20.89 2.48 14.35
N ASN A 248 -21.41 1.25 14.17
CA ASN A 248 -21.96 0.42 15.25
C ASN A 248 -21.00 -0.66 15.74
N ASN A 249 -19.68 -0.41 15.57
CA ASN A 249 -18.50 -1.18 15.99
C ASN A 249 -18.33 -2.61 15.40
N GLY A 250 -18.84 -2.85 14.20
CA GLY A 250 -18.61 -4.10 13.49
C GLY A 250 -17.17 -3.98 13.02
N ARG A 251 -16.34 -4.97 13.32
CA ARG A 251 -14.93 -5.01 12.96
C ARG A 251 -14.58 -6.39 12.44
N LEU A 252 -13.42 -6.50 11.78
CA LEU A 252 -12.89 -7.76 11.27
C LEU A 252 -12.56 -8.65 12.48
N PRO A 253 -12.78 -9.98 12.40
CA PRO A 253 -12.48 -10.85 13.56
C PRO A 253 -10.98 -10.99 13.90
N ARG A 254 -10.67 -11.59 15.06
CA ARG A 254 -9.29 -11.86 15.43
C ARG A 254 -8.90 -13.06 14.53
N PRO A 255 -7.80 -12.97 13.69
CA PRO A 255 -7.41 -14.12 12.85
C PRO A 255 -7.03 -15.33 13.71
N ASP A 256 -7.32 -16.56 13.24
CA ASP A 256 -7.03 -17.82 13.95
C ASP A 256 -5.54 -17.86 14.28
N GLY A 257 -5.26 -18.11 15.56
CA GLY A 257 -3.91 -18.22 16.11
C GLY A 257 -3.16 -16.92 16.28
N CYS A 258 -3.80 -15.75 16.02
CA CYS A 258 -3.17 -14.42 16.16
C CYS A 258 -3.01 -14.06 17.64
N PRO A 259 -1.79 -13.63 18.11
CA PRO A 259 -1.63 -13.25 19.53
C PRO A 259 -2.57 -12.09 19.89
N ASP A 260 -3.18 -12.18 21.10
CA ASP A 260 -4.13 -11.22 21.70
C ASP A 260 -3.63 -9.78 21.50
N GLU A 261 -2.35 -9.52 21.87
CA GLU A 261 -1.60 -8.26 21.79
C GLU A 261 -1.55 -7.61 20.40
N ILE A 262 -1.46 -8.44 19.34
CA ILE A 262 -1.43 -8.01 17.95
C ILE A 262 -2.85 -7.64 17.55
N TYR A 263 -3.87 -8.42 18.03
CA TYR A 263 -5.28 -8.09 17.74
C TYR A 263 -5.62 -6.74 18.39
N MET A 264 -5.11 -6.45 19.61
CA MET A 264 -5.36 -5.17 20.28
C MET A 264 -4.83 -4.00 19.49
N ILE A 265 -3.63 -4.14 18.87
CA ILE A 265 -3.02 -3.12 18.01
C ILE A 265 -3.99 -2.84 16.84
N MET A 266 -4.52 -3.90 16.18
CA MET A 266 -5.48 -3.78 15.06
C MET A 266 -6.70 -2.96 15.49
N THR A 267 -7.32 -3.33 16.63
CA THR A 267 -8.53 -2.69 17.19
C THR A 267 -8.27 -1.23 17.55
N GLU A 268 -7.07 -0.87 18.00
CA GLU A 268 -6.71 0.53 18.31
C GLU A 268 -6.61 1.33 17.04
N CYS A 269 -6.07 0.72 15.94
CA CYS A 269 -5.98 1.34 14.61
C CYS A 269 -7.38 1.58 14.07
N TRP A 270 -8.32 0.67 14.37
CA TRP A 270 -9.71 0.74 13.92
C TRP A 270 -10.66 1.54 14.85
N ASN A 271 -10.16 2.63 15.43
CA ASN A 271 -10.95 3.49 16.29
C ASN A 271 -11.74 4.44 15.42
N ASN A 272 -13.05 4.61 15.70
CA ASN A 272 -13.90 5.56 14.94
C ASN A 272 -13.44 7.01 15.15
N ASN A 273 -12.85 7.30 16.34
CA ASN A 273 -12.33 8.61 16.71
C ASN A 273 -10.93 8.68 16.10
N VAL A 274 -10.76 9.58 15.10
CA VAL A 274 -9.53 9.80 14.33
C VAL A 274 -8.33 10.17 15.25
N ASN A 275 -8.56 11.00 16.29
CA ASN A 275 -7.55 11.47 17.25
C ASN A 275 -7.05 10.40 18.20
N GLN A 276 -7.85 9.35 18.45
CA GLN A 276 -7.52 8.23 19.34
C GLN A 276 -6.68 7.13 18.70
N ARG A 277 -6.55 7.11 17.35
CA ARG A 277 -5.76 6.10 16.62
C ARG A 277 -4.29 6.28 16.95
N PRO A 278 -3.48 5.19 17.10
CA PRO A 278 -2.05 5.37 17.41
C PRO A 278 -1.25 6.05 16.28
N SER A 279 -0.03 6.44 16.60
CA SER A 279 0.84 7.06 15.63
C SER A 279 1.75 5.95 15.09
N PHE A 280 2.31 6.13 13.88
CA PHE A 280 3.23 5.13 13.31
C PHE A 280 4.52 5.02 14.14
N ARG A 281 4.99 6.15 14.73
CA ARG A 281 6.16 6.15 15.62
C ARG A 281 5.86 5.18 16.80
N ASP A 282 4.64 5.27 17.43
CA ASP A 282 4.22 4.41 18.55
C ASP A 282 4.09 2.96 18.15
N LEU A 283 3.49 2.68 16.97
CA LEU A 283 3.31 1.33 16.43
C LEU A 283 4.62 0.62 16.22
N ALA A 284 5.66 1.30 15.63
CA ALA A 284 6.99 0.70 15.41
C ALA A 284 7.65 0.35 16.76
N LEU A 285 7.50 1.23 17.77
CA LEU A 285 8.03 1.00 19.13
C LEU A 285 7.35 -0.22 19.74
N ARG A 286 6.01 -0.29 19.63
CA ARG A 286 5.20 -1.38 20.17
C ARG A 286 5.47 -2.71 19.52
N VAL A 287 5.52 -2.74 18.17
CA VAL A 287 5.77 -3.95 17.39
C VAL A 287 7.21 -4.45 17.66
N ASP A 288 8.22 -3.52 17.80
CA ASP A 288 9.61 -3.93 18.12
C ASP A 288 9.72 -4.56 19.49
N GLN A 289 8.88 -4.12 20.44
CA GLN A 289 8.83 -4.65 21.81
C GLN A 289 8.25 -6.07 21.77
N ILE A 290 7.11 -6.30 21.02
CA ILE A 290 6.48 -7.63 20.87
C ILE A 290 7.55 -8.59 20.32
N ARG A 291 8.26 -8.18 19.21
CA ARG A 291 9.32 -8.96 18.53
C ARG A 291 10.39 -9.41 19.50
N ASP A 292 10.89 -8.45 20.32
CA ASP A 292 11.93 -8.63 21.33
C ASP A 292 11.49 -9.66 22.37
N ASN A 293 10.23 -9.54 22.89
CA ASN A 293 9.61 -10.44 23.86
C ASN A 293 9.53 -11.87 23.32
N MET A 294 9.13 -12.05 22.04
CA MET A 294 9.01 -13.35 21.35
C MET A 294 10.38 -14.01 21.16
C1 VJK B . 3.04 -2.97 -9.93
C2 VJK B . 1.77 -3.65 -9.41
C3 VJK B . 0.65 -3.56 -10.44
C4 VJK B . 1.26 -2.98 -8.12
C5 VJK B . 2.30 -3.75 -5.98
C6 VJK B . 3.28 -2.73 -5.51
C7 VJK B . 3.14 -5.88 -8.73
C8 VJK B . 2.84 -7.23 -8.42
C9 VJK B . 3.91 -8.08 -8.17
C10 VJK B . 5.37 -6.28 -8.57
C11 VJK B . 6.74 -5.75 -8.62
C12 VJK B . 7.84 -6.54 -8.43
C13 VJK B . 8.65 -4.46 -8.57
F2 VJK B . 3.83 -3.07 -4.43
F VJK B . 2.76 -1.59 -5.30
F1 VJK B . 4.20 -2.52 -6.33
N VJK B . 1.30 -3.79 -7.05
O VJK B . 0.94 -1.78 -8.09
C VJK B . 3.34 -1.57 -9.39
N1 VJK B . 2.07 -5.07 -9.13
N3 VJK B . 4.39 -5.40 -8.79
N2 VJK B . 5.19 -7.73 -8.23
C14 VJK B . 7.26 -4.37 -8.76
C15 VJK B . 6.73 -3.08 -8.84
C16 VJK B . 7.57 -1.97 -8.69
C17 VJK B . 8.92 -2.17 -8.47
N5 VJK B . 9.49 -3.39 -8.43
N4 VJK B . 8.99 -5.78 -8.42
#